data_2IMH
#
_entry.id   2IMH
#
_cell.length_a   60.250
_cell.length_b   69.594
_cell.length_c   105.792
_cell.angle_alpha   90.00
_cell.angle_beta   90.00
_cell.angle_gamma   90.00
#
_symmetry.space_group_name_H-M   'P 21 21 21'
#
loop_
_entity.id
_entity.type
_entity.pdbx_description
1 polymer 'Hypothetical protein UNP Q5LQD5_SILPO'
2 water water
#
_entity_poly.entity_id   1
_entity_poly.type   'polypeptide(L)'
_entity_poly.pdbx_seq_one_letter_code
;(MSE)SLTFSILAHDPETGAIGGAAATGSLCVGGWVLRGDLNAG(MSE)SASQGAAPSTFWGEEVLQHLRDGSHPEDAVN
HVTSQDSGRAYRQLAA(MSE)DLLGNAAAFTGSENQDIKGSVTFASGIASGN(MSE)LGDNSVLGA(MSE)TEAFVASDL
TFERRLLAALIAAEGAGSDFRGLLSAA(MSE)LVLHPDRPPVTLRIDYHPDNPIGALEQLYQKATTGDYADWARQVPVLS
DKERILDEGHHHHHH
;
_entity_poly.pdbx_strand_id   A,B
#
# COMPACT_ATOMS: atom_id res chain seq x y z
N SER A 2 -13.54 -11.19 -10.73
CA SER A 2 -14.68 -10.33 -10.30
C SER A 2 -14.70 -9.05 -11.13
N LEU A 3 -15.83 -8.37 -11.12
CA LEU A 3 -15.96 -7.05 -11.76
C LEU A 3 -14.73 -6.20 -11.39
N THR A 4 -14.03 -5.68 -12.39
CA THR A 4 -12.79 -4.91 -12.15
C THR A 4 -12.66 -3.76 -13.12
N PHE A 5 -12.39 -2.56 -12.60
CA PHE A 5 -12.02 -1.46 -13.49
C PHE A 5 -10.99 -0.58 -12.81
N SER A 6 -10.07 -0.04 -13.62
CA SER A 6 -9.02 0.84 -13.10
C SER A 6 -8.70 1.96 -14.08
N ILE A 7 -8.21 3.07 -13.54
CA ILE A 7 -7.85 4.19 -14.40
C ILE A 7 -6.49 4.69 -13.92
N LEU A 8 -5.60 4.94 -14.86
CA LEU A 8 -4.31 5.60 -14.59
C LEU A 8 -4.32 6.95 -15.29
N ALA A 9 -3.75 7.96 -14.65
CA ALA A 9 -3.73 9.28 -15.28
C ALA A 9 -2.55 10.12 -14.81
N HIS A 10 -2.19 11.07 -15.66
CA HIS A 10 -1.19 12.11 -15.38
C HIS A 10 -1.93 13.43 -15.24
N ASP A 11 -1.50 14.26 -14.29
CA ASP A 11 -2.06 15.59 -14.09
C ASP A 11 -1.04 16.61 -14.62
N PRO A 12 -1.18 17.04 -15.88
CA PRO A 12 -0.13 17.84 -16.49
C PRO A 12 0.23 19.09 -15.71
N GLU A 13 -0.76 19.79 -15.18
CA GLU A 13 -0.51 21.05 -14.47
C GLU A 13 0.54 20.90 -13.34
N THR A 14 0.44 19.80 -12.59
CA THR A 14 1.32 19.59 -11.42
C THR A 14 2.44 18.58 -11.64
N GLY A 15 2.24 17.69 -12.60
CA GLY A 15 3.19 16.60 -12.82
C GLY A 15 2.85 15.43 -11.92
N ALA A 16 1.77 15.56 -11.13
CA ALA A 16 1.33 14.40 -10.34
C ALA A 16 0.94 13.26 -11.26
N ILE A 17 1.09 12.04 -10.74
CA ILE A 17 0.62 10.85 -11.43
C ILE A 17 -0.29 10.11 -10.46
N GLY A 18 -1.25 9.37 -10.99
CA GLY A 18 -2.12 8.62 -10.10
C GLY A 18 -2.95 7.56 -10.75
N GLY A 19 -3.72 6.87 -9.93
CA GLY A 19 -4.62 5.85 -10.43
C GLY A 19 -5.70 5.57 -9.41
N ALA A 20 -6.76 4.89 -9.84
CA ALA A 20 -7.84 4.51 -8.95
C ALA A 20 -8.45 3.24 -9.48
N ALA A 21 -9.04 2.43 -8.59
CA ALA A 21 -9.57 1.14 -9.03
C ALA A 21 -10.65 0.67 -8.09
N ALA A 22 -11.49 -0.24 -8.58
CA ALA A 22 -12.49 -0.87 -7.74
C ALA A 22 -12.75 -2.26 -8.29
N THR A 23 -13.03 -3.21 -7.40
CA THR A 23 -13.40 -4.55 -7.82
C THR A 23 -14.54 -5.11 -7.00
N GLY A 24 -15.13 -6.20 -7.48
CA GLY A 24 -16.07 -6.96 -6.67
C GLY A 24 -15.40 -7.96 -5.73
N SER A 25 -14.14 -7.69 -5.38
CA SER A 25 -13.38 -8.54 -4.46
C SER A 25 -12.59 -7.67 -3.45
N LEU A 26 -11.68 -8.29 -2.71
CA LEU A 26 -10.96 -7.60 -1.62
C LEU A 26 -9.68 -6.92 -2.09
N CYS A 27 -9.27 -5.88 -1.37
CA CYS A 27 -7.89 -5.42 -1.44
C CYS A 27 -7.44 -4.98 -2.84
N VAL A 28 -8.36 -4.41 -3.63
CA VAL A 28 -7.94 -3.91 -4.94
C VAL A 28 -6.68 -3.04 -4.92
N GLY A 29 -6.56 -2.14 -3.94
CA GLY A 29 -5.36 -1.28 -3.89
C GLY A 29 -4.07 -2.08 -3.79
N GLY A 30 -4.10 -3.15 -3.01
CA GLY A 30 -2.95 -4.02 -2.81
C GLY A 30 -2.60 -4.82 -4.04
N TRP A 31 -3.61 -5.26 -4.77
CA TRP A 31 -3.38 -6.11 -5.95
C TRP A 31 -2.93 -5.29 -7.13
N VAL A 32 -3.62 -4.17 -7.36
CA VAL A 32 -3.65 -3.58 -8.69
C VAL A 32 -2.74 -2.38 -8.91
N LEU A 33 -2.72 -1.46 -7.94
CA LEU A 33 -2.17 -0.14 -8.23
C LEU A 33 -0.75 0.01 -7.72
N ARG A 34 0.15 0.40 -8.62
CA ARG A 34 1.54 0.73 -8.27
C ARG A 34 2.01 1.96 -9.04
N GLY A 35 3.05 2.62 -8.53
CA GLY A 35 3.55 3.81 -9.18
C GLY A 35 4.87 4.27 -8.61
N ASP A 36 5.59 5.06 -9.40
CA ASP A 36 6.87 5.61 -8.96
C ASP A 36 7.15 6.86 -9.78
N LEU A 37 7.45 7.96 -9.09
CA LEU A 37 7.74 9.22 -9.75
C LEU A 37 8.95 9.16 -10.67
N ASN A 38 9.71 8.06 -10.59
CA ASN A 38 10.82 7.87 -11.51
C ASN A 38 10.47 6.95 -12.70
N ALA A 39 9.18 6.65 -12.87
CA ALA A 39 8.78 5.65 -13.85
C ALA A 39 7.41 5.96 -14.50
N GLY A 40 6.39 6.13 -13.67
CA GLY A 40 5.01 6.17 -14.17
C GLY A 40 4.09 5.35 -13.28
N MSE A 41 2.96 4.89 -13.85
CA MSE A 41 1.94 4.16 -13.09
C MSE A 41 1.67 2.80 -13.75
O MSE A 41 1.82 2.67 -14.98
CB MSE A 41 0.62 4.94 -13.09
CG MSE A 41 0.64 6.26 -12.35
SE MSE A 41 0.78 6.09 -10.40
CE MSE A 41 -0.76 4.88 -10.08
N SER A 42 1.22 1.85 -12.96
CA SER A 42 0.76 0.58 -13.53
C SER A 42 -0.49 0.06 -12.82
N ALA A 43 -1.29 -0.69 -13.57
CA ALA A 43 -2.48 -1.35 -13.02
C ALA A 43 -2.37 -2.79 -13.47
N SER A 44 -2.15 -3.71 -12.52
CA SER A 44 -1.98 -5.11 -12.89
C SER A 44 -3.15 -5.88 -12.29
N GLN A 45 -3.93 -6.54 -13.17
CA GLN A 45 -5.22 -7.09 -12.75
C GLN A 45 -5.57 -8.31 -13.59
N GLY A 46 -6.86 -8.64 -13.65
CA GLY A 46 -7.33 -9.78 -14.45
C GLY A 46 -7.66 -11.00 -13.61
N ALA A 47 -7.89 -12.13 -14.30
CA ALA A 47 -8.42 -13.33 -13.64
C ALA A 47 -7.45 -13.91 -12.64
N ALA A 48 -6.17 -13.90 -13.01
CA ALA A 48 -5.08 -14.39 -12.18
C ALA A 48 -4.00 -13.32 -12.22
N PRO A 49 -4.17 -12.28 -11.41
CA PRO A 49 -3.28 -11.10 -11.48
C PRO A 49 -1.85 -11.42 -11.05
N SER A 50 -0.88 -10.80 -11.72
CA SER A 50 0.51 -10.96 -11.40
C SER A 50 1.05 -9.71 -10.71
N THR A 51 1.39 -9.82 -9.44
CA THR A 51 2.07 -8.71 -8.76
C THR A 51 3.38 -8.37 -9.48
N PHE A 52 4.06 -9.40 -10.00
CA PHE A 52 5.29 -9.18 -10.75
C PHE A 52 5.12 -8.24 -11.93
N TRP A 53 4.06 -8.45 -12.71
CA TRP A 53 3.82 -7.62 -13.87
C TRP A 53 3.79 -6.16 -13.46
N GLY A 54 3.11 -5.88 -12.35
CA GLY A 54 2.90 -4.48 -11.92
C GLY A 54 4.20 -3.79 -11.58
N GLU A 55 5.10 -4.52 -10.94
CA GLU A 55 6.40 -3.97 -10.55
C GLU A 55 7.35 -3.92 -11.75
N GLU A 56 7.44 -5.03 -12.50
CA GLU A 56 8.39 -5.11 -13.60
C GLU A 56 8.12 -4.10 -14.71
N VAL A 57 6.84 -3.87 -15.04
CA VAL A 57 6.54 -2.89 -16.10
C VAL A 57 7.06 -1.49 -15.76
N LEU A 58 7.02 -1.13 -14.48
CA LEU A 58 7.58 0.16 -14.03
C LEU A 58 9.10 0.21 -14.26
N GLN A 59 9.79 -0.89 -13.98
CA GLN A 59 11.23 -0.95 -14.26
C GLN A 59 11.52 -0.76 -15.74
N HIS A 60 10.72 -1.36 -16.62
CA HIS A 60 10.95 -1.15 -18.05
C HIS A 60 10.78 0.31 -18.46
N LEU A 61 9.79 0.98 -17.88
CA LEU A 61 9.62 2.43 -18.09
C LEU A 61 10.81 3.24 -17.58
N ARG A 62 11.31 2.91 -16.38
CA ARG A 62 12.46 3.63 -15.81
C ARG A 62 13.63 3.51 -16.77
N ASP A 63 13.76 2.34 -17.39
CA ASP A 63 14.89 2.04 -18.26
C ASP A 63 14.68 2.49 -19.71
N GLY A 64 13.66 3.29 -19.96
CA GLY A 64 13.50 3.96 -21.26
C GLY A 64 12.69 3.25 -22.32
N SER A 65 11.82 2.31 -21.92
CA SER A 65 10.87 1.69 -22.84
C SER A 65 9.60 2.53 -22.97
N HIS A 66 9.09 2.63 -24.20
CA HIS A 66 7.74 3.15 -24.44
C HIS A 66 6.74 2.21 -23.74
N PRO A 67 5.66 2.75 -23.16
CA PRO A 67 4.64 1.91 -22.51
C PRO A 67 4.20 0.68 -23.32
N GLU A 68 4.02 0.80 -24.63
CA GLU A 68 3.61 -0.37 -25.42
C GLU A 68 4.65 -1.49 -25.35
N ASP A 69 5.92 -1.12 -25.52
CA ASP A 69 7.02 -2.08 -25.43
C ASP A 69 7.23 -2.65 -24.02
N ALA A 70 7.14 -1.78 -23.02
CA ALA A 70 7.21 -2.22 -21.62
C ALA A 70 6.14 -3.29 -21.33
N VAL A 71 4.90 -3.02 -21.71
CA VAL A 71 3.81 -3.97 -21.48
C VAL A 71 4.07 -5.26 -22.28
N ASN A 72 4.47 -5.10 -23.54
CA ASN A 72 4.71 -6.28 -24.37
C ASN A 72 5.87 -7.15 -23.84
N HIS A 73 6.96 -6.51 -23.38
CA HIS A 73 8.12 -7.23 -22.80
CA HIS A 73 8.09 -7.28 -22.85
C HIS A 73 7.72 -8.06 -21.59
N VAL A 74 6.91 -7.46 -20.73
CA VAL A 74 6.51 -8.12 -19.50
C VAL A 74 5.55 -9.28 -19.80
N THR A 75 4.57 -9.04 -20.65
CA THR A 75 3.51 -10.02 -20.87
C THR A 75 3.97 -11.18 -21.75
N SER A 76 4.84 -10.88 -22.73
CA SER A 76 5.34 -11.88 -23.69
CA SER A 76 5.30 -11.90 -23.67
C SER A 76 6.12 -12.99 -23.01
N GLN A 77 6.82 -12.64 -21.94
CA GLN A 77 7.69 -13.54 -21.14
CA GLN A 77 7.67 -13.62 -21.26
C GLN A 77 6.89 -14.51 -20.28
N ASP A 78 5.58 -14.33 -20.22
CA ASP A 78 4.76 -15.07 -19.24
C ASP A 78 3.82 -16.00 -19.97
N SER A 79 4.02 -17.32 -19.79
CA SER A 79 3.18 -18.32 -20.45
C SER A 79 1.72 -18.29 -20.01
N GLY A 80 1.46 -17.70 -18.84
CA GLY A 80 0.13 -17.58 -18.30
C GLY A 80 -0.54 -16.28 -18.63
N ARG A 81 0.02 -15.51 -19.56
CA ARG A 81 -0.46 -14.17 -19.88
C ARG A 81 -1.94 -14.05 -20.21
N ALA A 82 -2.52 -15.09 -20.81
CA ALA A 82 -3.92 -15.02 -21.23
C ALA A 82 -4.87 -14.78 -20.06
N TYR A 83 -4.42 -15.12 -18.85
CA TYR A 83 -5.25 -15.02 -17.65
C TYR A 83 -5.09 -13.71 -16.88
N ARG A 84 -4.47 -12.71 -17.52
CA ARG A 84 -4.26 -11.45 -16.79
C ARG A 84 -4.28 -10.25 -17.71
N GLN A 85 -4.16 -9.06 -17.11
CA GLN A 85 -4.41 -7.82 -17.80
C GLN A 85 -3.49 -6.77 -17.18
N LEU A 86 -2.89 -5.92 -18.01
CA LEU A 86 -1.88 -4.97 -17.56
C LEU A 86 -2.01 -3.64 -18.28
N ALA A 87 -1.90 -2.55 -17.53
CA ALA A 87 -1.92 -1.23 -18.13
C ALA A 87 -0.77 -0.45 -17.50
N ALA A 88 -0.15 0.40 -18.29
CA ALA A 88 0.99 1.16 -17.78
C ALA A 88 1.02 2.51 -18.44
N MSE A 89 1.47 3.52 -17.70
CA MSE A 89 1.48 4.87 -18.24
C MSE A 89 2.80 5.52 -17.82
O MSE A 89 3.22 5.34 -16.70
CB MSE A 89 0.31 5.69 -17.66
CG MSE A 89 0.25 7.12 -18.18
SE MSE A 89 -0.72 8.28 -16.94
CE MSE A 89 0.60 8.34 -15.49
N ASP A 90 3.43 6.26 -18.72
CA ASP A 90 4.70 6.91 -18.40
C ASP A 90 4.47 8.30 -17.82
N LEU A 91 5.56 9.00 -17.50
CA LEU A 91 5.47 10.26 -16.76
C LEU A 91 4.88 11.40 -17.59
N LEU A 92 4.75 11.20 -18.90
CA LEU A 92 4.13 12.18 -19.76
C LEU A 92 2.76 11.73 -20.28
N GLY A 93 2.22 10.66 -19.67
CA GLY A 93 0.83 10.28 -19.93
C GLY A 93 0.63 9.32 -21.09
N ASN A 94 1.72 8.91 -21.74
CA ASN A 94 1.67 7.86 -22.76
C ASN A 94 1.32 6.55 -22.10
N ALA A 95 0.47 5.74 -22.74
CA ALA A 95 -0.05 4.54 -22.06
C ALA A 95 -0.34 3.41 -23.01
N ALA A 96 -0.35 2.19 -22.46
CA ALA A 96 -0.69 1.01 -23.24
C ALA A 96 -1.25 -0.05 -22.30
N ALA A 97 -2.04 -0.96 -22.87
CA ALA A 97 -2.57 -2.07 -22.11
C ALA A 97 -2.45 -3.39 -22.87
N PHE A 98 -2.43 -4.47 -22.10
CA PHE A 98 -2.57 -5.82 -22.64
C PHE A 98 -3.77 -6.45 -21.94
N THR A 99 -4.63 -7.11 -22.72
CA THR A 99 -5.77 -7.81 -22.13
C THR A 99 -5.77 -9.27 -22.57
N GLY A 100 -5.49 -10.18 -21.63
CA GLY A 100 -5.44 -11.62 -21.93
C GLY A 100 -6.80 -12.13 -22.38
N SER A 101 -6.77 -13.14 -23.25
CA SER A 101 -8.01 -13.64 -23.86
C SER A 101 -8.86 -14.45 -22.86
N GLU A 102 -8.25 -14.90 -21.77
CA GLU A 102 -8.98 -15.75 -20.81
C GLU A 102 -9.55 -14.99 -19.60
N ASN A 103 -9.33 -13.68 -19.56
CA ASN A 103 -10.08 -12.83 -18.62
C ASN A 103 -11.56 -12.90 -18.98
N GLN A 104 -12.42 -12.64 -18.00
CA GLN A 104 -13.87 -12.70 -18.25
C GLN A 104 -14.39 -11.50 -19.03
N ASP A 105 -15.31 -11.74 -19.97
CA ASP A 105 -15.97 -10.66 -20.67
C ASP A 105 -16.92 -9.91 -19.73
N ILE A 106 -17.22 -8.64 -19.99
CA ILE A 106 -16.60 -7.85 -21.04
C ILE A 106 -15.25 -7.26 -20.54
N LYS A 107 -14.28 -7.14 -21.46
CA LYS A 107 -12.90 -6.63 -21.20
C LYS A 107 -12.59 -5.70 -22.40
N GLY A 108 -11.82 -4.61 -22.33
CA GLY A 108 -10.41 -4.51 -22.17
C GLY A 108 -9.99 -3.10 -21.82
N SER A 109 -9.77 -2.18 -22.78
CA SER A 109 -9.11 -0.88 -22.44
C SER A 109 -9.39 0.30 -23.35
N VAL A 110 -9.22 1.51 -22.79
CA VAL A 110 -9.46 2.77 -23.49
C VAL A 110 -8.35 3.77 -23.13
N THR A 111 -7.54 4.20 -24.10
CA THR A 111 -6.58 5.27 -23.82
C THR A 111 -7.27 6.62 -24.03
N PHE A 112 -6.78 7.65 -23.37
CA PHE A 112 -7.33 8.99 -23.54
C PHE A 112 -6.17 9.96 -23.32
N ALA A 113 -6.32 11.24 -23.59
N ALA A 113 -6.49 11.25 -23.44
CA ALA A 113 -5.12 12.10 -23.72
CA ALA A 113 -5.57 12.33 -23.11
C ALA A 113 -4.05 11.90 -22.64
C ALA A 113 -5.10 12.20 -21.68
N SER A 114 -4.49 11.78 -21.39
N SER A 114 -3.85 11.76 -21.52
CA SER A 114 -3.58 11.80 -20.25
CA SER A 114 -3.19 11.73 -20.22
C SER A 114 -3.71 10.55 -19.37
C SER A 114 -3.40 10.46 -19.40
N GLY A 115 -3.98 9.40 -19.99
CA GLY A 115 -4.18 8.19 -19.22
C GLY A 115 -4.80 7.00 -19.94
N ILE A 116 -5.27 6.04 -19.14
CA ILE A 116 -5.77 4.77 -19.70
C ILE A 116 -6.72 4.14 -18.68
N ALA A 117 -7.86 3.67 -19.18
CA ALA A 117 -8.83 2.95 -18.37
C ALA A 117 -8.79 1.49 -18.85
N SER A 118 -8.88 0.53 -17.92
CA SER A 118 -8.96 -0.90 -18.32
C SER A 118 -9.83 -1.68 -17.34
N GLY A 119 -10.38 -2.79 -17.79
CA GLY A 119 -11.20 -3.56 -16.88
C GLY A 119 -11.57 -4.91 -17.47
N ASN A 120 -12.20 -5.74 -16.64
CA ASN A 120 -12.67 -7.04 -17.09
C ASN A 120 -13.87 -7.46 -16.25
N MSE A 121 -14.56 -8.51 -16.70
CA MSE A 121 -15.83 -8.90 -16.09
CA MSE A 121 -15.87 -8.90 -16.15
C MSE A 121 -16.81 -7.71 -16.02
O MSE A 121 -17.55 -7.56 -15.04
CB MSE A 121 -15.58 -9.53 -14.71
CB MSE A 121 -15.73 -9.67 -14.84
CG MSE A 121 -16.79 -10.17 -14.05
CG MSE A 121 -17.04 -10.36 -14.45
SE MSE A 121 -17.63 -11.54 -15.15
SE MSE A 121 -16.94 -11.55 -12.91
CE MSE A 121 -19.11 -10.51 -15.89
CE MSE A 121 -15.25 -12.44 -13.31
N LEU A 122 -16.82 -6.88 -17.05
CA LEU A 122 -17.66 -5.71 -17.12
C LEU A 122 -19.03 -6.09 -17.71
N GLY A 123 -20.04 -5.30 -17.37
CA GLY A 123 -21.38 -5.55 -17.91
C GLY A 123 -21.60 -5.03 -19.33
N ASP A 124 -20.79 -4.06 -19.72
CA ASP A 124 -20.94 -3.37 -21.01
C ASP A 124 -19.66 -2.67 -21.41
N ASN A 125 -19.45 -2.49 -22.72
CA ASN A 125 -18.36 -1.62 -23.19
C ASN A 125 -18.39 -0.28 -22.51
N SER A 126 -19.61 0.22 -22.33
CA SER A 126 -19.80 1.59 -21.90
C SER A 126 -19.27 1.86 -20.50
N VAL A 127 -18.92 0.80 -19.77
CA VAL A 127 -18.32 0.99 -18.44
C VAL A 127 -17.00 1.77 -18.57
N LEU A 128 -16.14 1.36 -19.49
CA LEU A 128 -14.85 2.05 -19.67
C LEU A 128 -15.02 3.38 -20.39
N GLY A 129 -15.93 3.42 -21.36
CA GLY A 129 -16.29 4.68 -22.01
C GLY A 129 -16.79 5.71 -21.00
N ALA A 130 -17.70 5.29 -20.12
CA ALA A 130 -18.27 6.20 -19.12
C ALA A 130 -17.20 6.66 -18.14
N MSE A 131 -16.35 5.72 -17.74
CA MSE A 131 -15.22 6.04 -16.86
C MSE A 131 -14.33 7.13 -17.47
O MSE A 131 -13.98 8.12 -16.82
CB MSE A 131 -14.38 4.77 -16.66
CG MSE A 131 -13.30 4.92 -15.64
SE MSE A 131 -12.42 3.22 -15.38
CE MSE A 131 -12.11 3.42 -13.46
N THR A 132 -13.97 6.94 -18.73
CA THR A 132 -13.08 7.89 -19.44
C THR A 132 -13.75 9.26 -19.61
N GLU A 133 -14.97 9.25 -20.13
CA GLU A 133 -15.73 10.49 -20.29
C GLU A 133 -15.80 11.27 -18.97
N ALA A 134 -16.12 10.58 -17.87
CA ALA A 134 -16.19 11.24 -16.56
C ALA A 134 -14.87 11.87 -16.15
N PHE A 135 -13.76 11.15 -16.34
CA PHE A 135 -12.45 11.70 -15.99
C PHE A 135 -12.09 12.93 -16.84
N VAL A 136 -12.25 12.82 -18.15
CA VAL A 136 -11.81 13.89 -19.04
CA VAL A 136 -11.85 13.86 -19.08
C VAL A 136 -12.74 15.11 -18.97
N ALA A 137 -14.03 14.89 -18.72
CA ALA A 137 -15.00 16.00 -18.66
C ALA A 137 -14.92 16.79 -17.36
N SER A 138 -14.42 16.17 -16.29
CA SER A 138 -14.40 16.81 -14.98
C SER A 138 -13.40 17.95 -14.91
N ASP A 139 -13.85 19.07 -14.34
CA ASP A 139 -12.93 20.19 -14.12
C ASP A 139 -12.53 20.29 -12.65
N LEU A 140 -12.76 19.22 -11.90
CA LEU A 140 -12.43 19.18 -10.48
C LEU A 140 -10.92 18.94 -10.28
N THR A 141 -10.48 18.93 -9.03
CA THR A 141 -9.08 18.62 -8.69
C THR A 141 -8.79 17.18 -9.16
N PHE A 142 -7.53 16.91 -9.50
CA PHE A 142 -7.10 15.61 -10.04
C PHE A 142 -7.70 14.43 -9.29
N GLU A 143 -7.58 14.44 -7.97
CA GLU A 143 -8.09 13.33 -7.14
C GLU A 143 -9.58 13.12 -7.28
N ARG A 144 -10.34 14.21 -7.37
CA ARG A 144 -11.78 14.13 -7.52
C ARG A 144 -12.18 13.66 -8.91
N ARG A 145 -11.32 13.91 -9.90
CA ARG A 145 -11.53 13.41 -11.26
CA ARG A 145 -11.57 13.40 -11.25
C ARG A 145 -11.43 11.89 -11.27
N LEU A 146 -10.44 11.37 -10.54
CA LEU A 146 -10.28 9.92 -10.39
C LEU A 146 -11.49 9.32 -9.72
N LEU A 147 -11.96 9.97 -8.65
CA LEU A 147 -13.18 9.50 -7.96
C LEU A 147 -14.39 9.51 -8.90
N ALA A 148 -14.54 10.59 -9.66
CA ALA A 148 -15.64 10.74 -10.62
C ALA A 148 -15.63 9.58 -11.61
N ALA A 149 -14.44 9.20 -12.05
CA ALA A 149 -14.25 8.06 -12.95
C ALA A 149 -14.75 6.74 -12.36
N LEU A 150 -14.40 6.48 -11.10
CA LEU A 150 -14.89 5.24 -10.43
C LEU A 150 -16.42 5.23 -10.34
N ILE A 151 -16.99 6.35 -9.93
CA ILE A 151 -18.45 6.48 -9.81
C ILE A 151 -19.16 6.26 -11.16
N ALA A 152 -18.64 6.86 -12.22
CA ALA A 152 -19.23 6.68 -13.56
C ALA A 152 -19.11 5.23 -14.02
N ALA A 153 -17.99 4.59 -13.73
CA ALA A 153 -17.78 3.20 -14.14
C ALA A 153 -18.78 2.32 -13.40
N GLU A 154 -18.96 2.58 -12.11
CA GLU A 154 -19.93 1.84 -11.28
C GLU A 154 -21.35 2.03 -11.80
N GLY A 155 -21.71 3.28 -12.09
CA GLY A 155 -23.05 3.63 -12.54
C GLY A 155 -23.42 3.07 -13.90
N ALA A 156 -22.40 2.76 -14.71
CA ALA A 156 -22.63 2.26 -16.07
C ALA A 156 -22.93 0.76 -16.09
N GLY A 157 -22.76 0.09 -14.95
CA GLY A 157 -23.00 -1.35 -14.86
C GLY A 157 -24.46 -1.67 -14.60
N GLY A 162 -21.82 -5.97 -7.82
CA GLY A 162 -21.50 -5.04 -6.73
C GLY A 162 -19.99 -4.96 -6.54
N LEU A 163 -19.54 -3.92 -5.87
CA LEU A 163 -18.13 -3.75 -5.58
C LEU A 163 -17.88 -3.96 -4.09
N LEU A 164 -16.70 -4.50 -3.75
CA LEU A 164 -16.33 -4.72 -2.36
C LEU A 164 -15.08 -3.95 -1.92
N SER A 165 -14.28 -3.49 -2.89
CA SER A 165 -13.08 -2.68 -2.53
C SER A 165 -12.80 -1.58 -3.55
N ALA A 166 -12.14 -0.53 -3.09
CA ALA A 166 -11.78 0.59 -3.95
C ALA A 166 -10.49 1.18 -3.41
N ALA A 167 -9.71 1.82 -4.29
CA ALA A 167 -8.48 2.46 -3.88
C ALA A 167 -8.06 3.59 -4.81
N MSE A 168 -7.18 4.43 -4.28
CA MSE A 168 -6.56 5.49 -5.07
CA MSE A 168 -6.57 5.53 -5.04
C MSE A 168 -5.10 5.60 -4.66
O MSE A 168 -4.75 5.30 -3.52
CB MSE A 168 -7.26 6.84 -4.83
CB MSE A 168 -7.23 6.85 -4.64
CG MSE A 168 -6.86 7.94 -5.82
CG MSE A 168 -6.68 8.07 -5.37
SE MSE A 168 -8.13 9.43 -5.82
SE MSE A 168 -7.27 9.74 -4.55
CE MSE A 168 -9.67 8.40 -6.42
CE MSE A 168 -9.09 9.22 -4.13
N LEU A 169 -4.28 6.00 -5.62
CA LEU A 169 -2.86 6.19 -5.35
C LEU A 169 -2.45 7.42 -6.14
N VAL A 170 -1.91 8.43 -5.46
CA VAL A 170 -1.46 9.64 -6.14
C VAL A 170 -0.09 10.06 -5.62
N LEU A 171 0.80 10.37 -6.55
CA LEU A 171 2.20 10.70 -6.24
C LEU A 171 2.59 12.03 -6.85
N HIS A 172 3.40 12.79 -6.11
CA HIS A 172 3.92 14.06 -6.59
C HIS A 172 5.19 14.35 -5.79
N PRO A 173 6.22 14.93 -6.42
CA PRO A 173 7.50 15.08 -5.71
C PRO A 173 7.47 15.98 -4.47
N ASP A 174 6.48 16.87 -4.36
CA ASP A 174 6.40 17.80 -3.23
C ASP A 174 5.45 17.30 -2.15
N ARG A 175 4.96 16.07 -2.30
CA ARG A 175 3.94 15.53 -1.41
C ARG A 175 4.32 14.12 -1.00
N PRO A 176 3.89 13.71 0.20
CA PRO A 176 4.03 12.29 0.51
C PRO A 176 3.03 11.50 -0.33
N PRO A 177 3.27 10.20 -0.52
CA PRO A 177 2.29 9.46 -1.33
C PRO A 177 0.90 9.54 -0.73
N VAL A 178 -0.12 9.69 -1.56
CA VAL A 178 -1.48 9.63 -1.08
C VAL A 178 -1.96 8.25 -1.50
N THR A 179 -1.99 7.34 -0.54
CA THR A 179 -2.40 5.97 -0.79
C THR A 179 -3.63 5.73 0.10
N LEU A 180 -4.78 5.51 -0.54
CA LEU A 180 -6.06 5.43 0.17
C LEU A 180 -6.73 4.13 -0.25
N ARG A 181 -6.96 3.26 0.74
CA ARG A 181 -7.50 1.94 0.46
C ARG A 181 -8.72 1.63 1.31
N ILE A 182 -9.77 1.21 0.62
CA ILE A 182 -10.91 0.52 1.24
C ILE A 182 -10.80 -0.92 0.79
N ASP A 183 -10.29 -1.79 1.66
CA ASP A 183 -9.98 -3.17 1.23
C ASP A 183 -11.20 -4.08 1.29
N TYR A 184 -12.21 -3.64 2.05
CA TYR A 184 -13.52 -4.30 2.08
C TYR A 184 -14.58 -3.34 2.59
N HIS A 185 -15.69 -3.25 1.87
CA HIS A 185 -16.88 -2.58 2.38
C HIS A 185 -18.07 -3.36 1.83
N PRO A 186 -19.08 -3.67 2.67
CA PRO A 186 -20.16 -4.56 2.27
C PRO A 186 -21.05 -4.04 1.13
N ASP A 187 -21.15 -2.72 0.94
CA ASP A 187 -22.08 -2.22 -0.07
C ASP A 187 -21.65 -0.99 -0.85
N ASN A 188 -20.68 -0.22 -0.36
CA ASN A 188 -20.28 1.00 -1.08
C ASN A 188 -18.82 1.43 -0.82
N PRO A 189 -17.87 0.66 -1.37
CA PRO A 189 -16.46 0.97 -1.15
C PRO A 189 -16.09 2.31 -1.80
N ILE A 190 -16.72 2.68 -2.92
CA ILE A 190 -16.34 3.96 -3.54
C ILE A 190 -16.73 5.14 -2.63
N GLY A 191 -17.93 5.07 -2.05
CA GLY A 191 -18.39 6.10 -1.11
C GLY A 191 -17.47 6.21 0.08
N ALA A 192 -17.04 5.04 0.57
CA ALA A 192 -16.16 5.01 1.74
C ALA A 192 -14.79 5.61 1.38
N LEU A 193 -14.35 5.35 0.15
CA LEU A 193 -13.12 5.96 -0.36
C LEU A 193 -13.22 7.46 -0.41
N GLU A 194 -14.33 8.00 -0.90
CA GLU A 194 -14.48 9.46 -0.92
C GLU A 194 -14.42 10.05 0.50
N GLN A 195 -15.07 9.39 1.44
CA GLN A 195 -15.03 9.87 2.83
C GLN A 195 -13.60 9.89 3.32
N LEU A 196 -12.86 8.82 3.02
CA LEU A 196 -11.48 8.72 3.46
C LEU A 196 -10.63 9.81 2.81
N TYR A 197 -10.87 10.03 1.53
CA TYR A 197 -10.19 11.09 0.79
C TYR A 197 -10.40 12.47 1.44
N GLN A 198 -11.63 12.80 1.81
CA GLN A 198 -11.88 14.09 2.45
CA GLN A 198 -11.90 14.09 2.45
C GLN A 198 -11.13 14.20 3.77
N LYS A 199 -11.12 13.13 4.54
CA LYS A 199 -10.43 13.14 5.82
C LYS A 199 -8.91 13.27 5.64
N ALA A 200 -8.40 12.68 4.56
CA ALA A 200 -6.96 12.60 4.35
C ALA A 200 -6.39 13.87 3.74
N THR A 201 -7.26 14.77 3.29
CA THR A 201 -6.81 15.93 2.51
C THR A 201 -7.28 17.27 3.04
N THR A 202 -7.78 17.28 4.29
CA THR A 202 -8.31 18.50 4.89
C THR A 202 -7.89 18.61 6.35
N GLY A 203 -8.03 19.81 6.94
CA GLY A 203 -7.93 19.95 8.39
C GLY A 203 -6.60 19.55 9.01
N ASP A 204 -6.67 19.09 10.27
CA ASP A 204 -5.49 18.72 11.06
C ASP A 204 -4.61 17.70 10.33
N TYR A 205 -5.25 16.68 9.77
CA TYR A 205 -4.46 15.62 9.14
C TYR A 205 -3.65 16.17 7.97
N ALA A 206 -4.29 16.98 7.12
CA ALA A 206 -3.57 17.55 5.97
C ALA A 206 -2.46 18.49 6.45
N ASP A 207 -2.73 19.22 7.53
CA ASP A 207 -1.74 20.12 8.11
C ASP A 207 -0.49 19.35 8.57
N TRP A 208 -0.70 18.22 9.22
CA TRP A 208 0.38 17.33 9.65
C TRP A 208 1.13 16.77 8.42
N ALA A 209 0.36 16.29 7.44
CA ALA A 209 0.94 15.56 6.29
C ALA A 209 1.85 16.44 5.43
N ARG A 210 1.68 17.76 5.50
CA ARG A 210 2.61 18.67 4.78
C ARG A 210 3.94 18.93 5.53
N GLN A 211 4.09 18.34 6.73
CA GLN A 211 5.28 18.56 7.55
C GLN A 211 6.22 17.36 7.60
N VAL A 212 6.05 16.43 6.66
CA VAL A 212 6.86 15.21 6.64
C VAL A 212 7.75 15.14 5.36
N PRO A 213 8.85 14.37 5.42
CA PRO A 213 9.72 14.25 4.23
C PRO A 213 8.99 13.96 2.91
N VAL A 214 9.45 14.65 1.88
CA VAL A 214 8.94 14.47 0.50
C VAL A 214 10.16 14.43 -0.44
N LEU A 215 9.94 13.99 -1.68
CA LEU A 215 11.05 13.78 -2.60
C LEU A 215 11.89 15.04 -2.78
N SER A 216 11.22 16.19 -2.84
CA SER A 216 11.91 17.47 -3.00
C SER A 216 12.43 18.08 -1.70
N ASP A 217 12.18 17.42 -0.57
CA ASP A 217 12.62 17.93 0.74
C ASP A 217 12.71 16.71 1.66
N LYS A 218 13.77 15.93 1.47
CA LYS A 218 13.84 14.60 2.09
C LYS A 218 14.06 14.60 3.60
N GLU A 219 14.52 15.72 4.15
CA GLU A 219 14.87 15.76 5.57
C GLU A 219 13.90 16.64 6.38
N ARG A 220 12.77 16.98 5.77
CA ARG A 220 11.75 17.81 6.39
C ARG A 220 11.37 17.35 7.80
N ILE A 221 11.20 18.31 8.70
CA ILE A 221 10.73 18.05 10.05
C ILE A 221 9.50 18.90 10.33
N LEU A 222 8.90 18.72 11.50
CA LEU A 222 7.71 19.47 11.88
C LEU A 222 8.01 20.96 11.97
N ASP A 223 7.00 21.77 11.65
CA ASP A 223 7.13 23.23 11.74
C ASP A 223 7.73 23.66 13.08
N GLU A 224 8.64 24.63 13.00
CA GLU A 224 9.35 25.17 14.16
C GLU A 224 8.43 25.87 15.14
N GLY A 225 8.90 26.00 16.37
CA GLY A 225 8.22 26.77 17.40
C GLY A 225 7.16 26.00 18.18
N HIS A 226 6.52 26.71 19.10
CA HIS A 226 5.46 26.16 19.94
C HIS A 226 4.16 25.90 19.17
N HIS A 227 3.46 24.84 19.55
CA HIS A 227 2.09 24.58 19.08
C HIS A 227 1.22 24.02 20.21
N HIS A 228 -0.04 24.42 20.24
CA HIS A 228 -0.97 23.93 21.26
C HIS A 228 -1.42 22.49 20.99
N HIS A 229 -1.14 22.02 19.78
CA HIS A 229 -1.59 20.71 19.32
C HIS A 229 -0.44 19.95 18.66
N HIS A 230 -0.54 18.62 18.68
CA HIS A 230 0.45 17.74 18.05
CA HIS A 230 0.44 17.76 18.02
C HIS A 230 -0.28 16.52 17.49
N HIS A 231 -0.24 16.36 16.18
CA HIS A 231 -0.94 15.25 15.55
C HIS A 231 -0.49 13.90 16.13
N SER B 2 0.68 10.99 16.94
CA SER B 2 -0.46 10.13 17.31
C SER B 2 0.02 8.82 17.93
N LEU B 3 -0.73 8.26 18.88
CA LEU B 3 -0.43 6.93 19.45
C LEU B 3 -0.04 5.98 18.31
N THR B 4 1.11 5.32 18.44
CA THR B 4 1.64 4.52 17.34
C THR B 4 2.34 3.31 17.88
N PHE B 5 2.01 2.13 17.35
CA PHE B 5 2.81 0.95 17.64
C PHE B 5 2.84 -0.02 16.46
N SER B 6 3.97 -0.71 16.32
CA SER B 6 4.15 -1.68 15.25
C SER B 6 5.06 -2.81 15.71
N ILE B 7 4.88 -3.95 15.07
CA ILE B 7 5.68 -5.12 15.37
C ILE B 7 6.07 -5.75 14.05
N LEU B 8 7.34 -6.15 13.97
CA LEU B 8 7.88 -6.90 12.84
C LEU B 8 8.25 -8.28 13.34
N ALA B 9 7.99 -9.31 12.54
CA ALA B 9 8.31 -10.68 13.01
C ALA B 9 8.65 -11.63 11.89
N HIS B 10 9.37 -12.68 12.27
CA HIS B 10 9.78 -13.74 11.35
C HIS B 10 9.13 -15.04 11.81
N ASP B 11 8.74 -15.88 10.86
CA ASP B 11 8.19 -17.19 11.18
C ASP B 11 9.22 -18.27 10.82
N PRO B 12 9.98 -18.75 11.81
CA PRO B 12 11.03 -19.73 11.52
C PRO B 12 10.52 -21.09 11.01
N GLU B 13 9.22 -21.35 11.15
CA GLU B 13 8.66 -22.61 10.69
C GLU B 13 8.38 -22.63 9.19
N THR B 14 8.19 -21.45 8.59
CA THR B 14 7.86 -21.35 7.17
C THR B 14 8.77 -20.41 6.38
N GLY B 15 9.52 -19.56 7.07
CA GLY B 15 10.31 -18.52 6.41
C GLY B 15 9.52 -17.25 6.08
N ALA B 16 8.24 -17.22 6.44
CA ALA B 16 7.45 -15.99 6.24
C ALA B 16 8.00 -14.83 7.06
N ILE B 17 7.80 -13.61 6.54
CA ILE B 17 8.16 -12.39 7.26
C ILE B 17 6.88 -11.54 7.32
N GLY B 18 6.74 -10.75 8.37
CA GLY B 18 5.54 -9.96 8.50
C GLY B 18 5.67 -8.78 9.43
N GLY B 19 4.60 -7.99 9.46
CA GLY B 19 4.49 -6.84 10.36
C GLY B 19 3.03 -6.48 10.53
N ALA B 20 2.73 -5.81 11.64
CA ALA B 20 1.42 -5.26 11.87
C ALA B 20 1.59 -3.93 12.60
N ALA B 21 0.66 -3.01 12.40
CA ALA B 21 0.79 -1.69 13.03
C ALA B 21 -0.59 -1.06 13.25
N ALA B 22 -0.67 -0.12 14.19
CA ALA B 22 -1.90 0.65 14.37
C ALA B 22 -1.53 2.02 14.86
N THR B 23 -2.35 3.03 14.54
CA THR B 23 -2.10 4.39 15.04
C THR B 23 -3.40 5.07 15.35
N GLY B 24 -3.30 6.19 16.06
CA GLY B 24 -4.44 7.08 16.25
C GLY B 24 -4.65 8.03 15.08
N SER B 25 -4.07 7.72 13.92
CA SER B 25 -4.20 8.56 12.72
C SER B 25 -4.59 7.69 11.52
N LEU B 26 -4.52 8.26 10.33
CA LEU B 26 -4.96 7.56 9.12
C LEU B 26 -3.87 6.77 8.41
N CYS B 27 -4.29 5.74 7.67
CA CYS B 27 -3.43 5.13 6.66
C CYS B 27 -2.13 4.54 7.20
N VAL B 28 -2.15 4.02 8.44
CA VAL B 28 -0.91 3.45 9.00
C VAL B 28 -0.20 2.46 8.06
N GLY B 29 -0.95 1.59 7.38
CA GLY B 29 -0.33 0.62 6.48
C GLY B 29 0.46 1.32 5.38
N GLY B 30 -0.10 2.41 4.86
CA GLY B 30 0.55 3.20 3.81
C GLY B 30 1.82 3.90 4.29
N TRP B 31 1.75 4.45 5.50
CA TRP B 31 2.88 5.15 6.07
C TRP B 31 4.02 4.22 6.49
N VAL B 32 3.68 3.15 7.19
CA VAL B 32 4.65 2.49 8.08
C VAL B 32 5.29 1.19 7.58
N LEU B 33 4.48 0.30 7.02
CA LEU B 33 4.94 -1.09 6.82
C LEU B 33 5.41 -1.34 5.41
N ARG B 34 6.66 -1.82 5.30
CA ARG B 34 7.23 -2.22 4.01
C ARG B 34 7.97 -3.55 4.19
N GLY B 35 8.10 -4.32 3.11
CA GLY B 35 8.94 -5.49 3.19
C GLY B 35 9.29 -6.03 1.82
N ASP B 36 10.26 -6.95 1.79
CA ASP B 36 10.64 -7.60 0.54
C ASP B 36 11.32 -8.92 0.90
N LEU B 37 10.95 -9.98 0.18
CA LEU B 37 11.48 -11.29 0.45
C LEU B 37 13.00 -11.38 0.20
N ASN B 38 13.57 -10.37 -0.44
CA ASN B 38 15.02 -10.33 -0.65
C ASN B 38 15.78 -9.47 0.37
N ALA B 39 15.05 -8.94 1.35
CA ALA B 39 15.61 -7.96 2.29
C ALA B 39 15.21 -8.19 3.73
N GLY B 40 13.88 -8.25 3.98
CA GLY B 40 13.33 -8.31 5.34
C GLY B 40 12.14 -7.35 5.45
N MSE B 41 11.92 -6.78 6.64
CA MSE B 41 10.76 -5.94 6.92
C MSE B 41 11.22 -4.60 7.51
O MSE B 41 12.24 -4.55 8.17
CB MSE B 41 9.84 -6.62 7.96
CG MSE B 41 9.19 -7.92 7.52
SE MSE B 41 7.78 -7.65 6.15
CE MSE B 41 6.68 -6.30 7.10
N SER B 42 10.44 -3.54 7.28
CA SER B 42 10.71 -2.28 7.96
C SER B 42 9.43 -1.61 8.43
N ALA B 43 9.57 -0.81 9.50
CA ALA B 43 8.49 -0.02 10.04
C ALA B 43 9.03 1.38 10.24
N SER B 44 8.57 2.30 9.41
CA SER B 44 9.06 3.65 9.42
C SER B 44 7.95 4.54 9.92
N GLN B 45 8.21 5.24 11.03
CA GLN B 45 7.13 5.91 11.75
C GLN B 45 7.69 7.13 12.50
N GLY B 46 6.92 7.63 13.46
CA GLY B 46 7.37 8.79 14.25
C GLY B 46 6.60 10.08 13.99
N ALA B 47 7.08 11.18 14.58
CA ALA B 47 6.39 12.46 14.49
C ALA B 47 6.33 12.99 13.07
N ALA B 48 7.43 12.84 12.34
CA ALA B 48 7.53 13.28 10.96
C ALA B 48 8.10 12.09 10.17
N PRO B 49 7.25 11.08 9.89
CA PRO B 49 7.76 9.82 9.38
C PRO B 49 8.35 9.99 7.98
N SER B 50 9.40 9.22 7.68
CA SER B 50 10.05 9.23 6.36
C SER B 50 9.73 7.96 5.56
N THR B 51 8.98 8.12 4.47
CA THR B 51 8.78 7.00 3.54
C THR B 51 10.15 6.51 3.03
N PHE B 52 11.09 7.45 2.84
CA PHE B 52 12.43 7.13 2.34
C PHE B 52 13.17 6.17 3.27
N TRP B 53 13.11 6.44 4.57
CA TRP B 53 13.74 5.54 5.53
C TRP B 53 13.26 4.11 5.33
N GLY B 54 11.95 3.98 5.18
CA GLY B 54 11.33 2.67 5.10
C GLY B 54 11.80 1.89 3.89
N GLU B 55 11.96 2.59 2.77
CA GLU B 55 12.40 1.94 1.53
C GLU B 55 13.91 1.73 1.55
N GLU B 56 14.64 2.76 1.97
CA GLU B 56 16.09 2.73 1.90
C GLU B 56 16.72 1.69 2.84
N VAL B 57 16.15 1.51 4.02
CA VAL B 57 16.69 0.52 4.96
C VAL B 57 16.61 -0.89 4.34
N LEU B 58 15.55 -1.15 3.58
CA LEU B 58 15.41 -2.47 2.93
C LEU B 58 16.49 -2.66 1.88
N GLN B 59 16.83 -1.59 1.16
CA GLN B 59 17.89 -1.69 0.16
C GLN B 59 19.24 -2.03 0.82
N HIS B 60 19.49 -1.43 1.98
CA HIS B 60 20.71 -1.76 2.74
C HIS B 60 20.76 -3.23 3.18
N LEU B 61 19.62 -3.74 3.65
CA LEU B 61 19.49 -5.14 4.03
C LEU B 61 19.72 -6.04 2.82
N ARG B 62 19.13 -5.64 1.68
CA ARG B 62 19.25 -6.34 0.41
C ARG B 62 20.72 -6.48 0.06
N ASP B 63 21.48 -5.40 0.27
CA ASP B 63 22.89 -5.35 -0.08
C ASP B 63 23.82 -6.00 0.94
N GLY B 64 23.25 -6.61 1.99
CA GLY B 64 24.05 -7.40 2.94
C GLY B 64 24.27 -6.85 4.33
N SER B 65 23.82 -5.61 4.59
CA SER B 65 23.97 -5.03 5.93
C SER B 65 23.12 -5.74 6.97
N HIS B 66 23.68 -5.88 8.18
CA HIS B 66 22.93 -6.31 9.37
C HIS B 66 21.94 -5.20 9.70
N PRO B 67 20.74 -5.56 10.23
CA PRO B 67 19.78 -4.54 10.70
C PRO B 67 20.36 -3.37 11.51
N GLU B 68 21.23 -3.65 12.48
CA GLU B 68 21.82 -2.55 13.28
C GLU B 68 22.56 -1.54 12.40
N ASP B 69 23.33 -2.04 11.43
CA ASP B 69 24.09 -1.14 10.54
C ASP B 69 23.20 -0.41 9.55
N ALA B 70 22.23 -1.13 8.99
CA ALA B 70 21.27 -0.57 8.04
C ALA B 70 20.54 0.61 8.69
N VAL B 71 19.96 0.36 9.86
CA VAL B 71 19.21 1.39 10.59
C VAL B 71 20.12 2.57 10.95
N ASN B 72 21.26 2.27 11.56
CA ASN B 72 22.19 3.34 11.93
C ASN B 72 22.60 4.19 10.73
N HIS B 73 22.85 3.55 9.58
CA HIS B 73 23.28 4.29 8.39
C HIS B 73 22.19 5.21 7.83
N VAL B 74 20.99 4.67 7.67
CA VAL B 74 19.88 5.46 7.15
C VAL B 74 19.59 6.66 8.06
N THR B 75 19.50 6.42 9.36
CA THR B 75 19.10 7.48 10.29
C THR B 75 20.19 8.53 10.50
N SER B 76 21.45 8.09 10.60
CA SER B 76 22.56 9.03 10.82
C SER B 76 22.73 10.02 9.66
N GLN B 77 22.31 9.61 8.45
CA GLN B 77 22.39 10.43 7.25
C GLN B 77 21.38 11.57 7.22
N ASP B 78 20.37 11.49 8.07
CA ASP B 78 19.21 12.38 8.02
C ASP B 78 19.32 13.43 9.13
N SER B 79 19.48 14.70 8.75
CA SER B 79 19.60 15.75 9.77
C SER B 79 18.34 15.93 10.63
N GLY B 80 17.20 15.45 10.11
CA GLY B 80 15.93 15.54 10.83
C GLY B 80 15.57 14.26 11.58
N ARG B 81 16.55 13.36 11.72
CA ARG B 81 16.36 12.07 12.38
C ARG B 81 15.65 12.14 13.75
N ALA B 82 15.85 13.21 14.52
CA ALA B 82 15.25 13.31 15.86
C ALA B 82 13.71 13.23 15.82
N TYR B 83 13.13 13.53 14.66
CA TYR B 83 11.67 13.57 14.54
C TYR B 83 11.04 12.29 14.01
N ARG B 84 11.81 11.21 13.97
CA ARG B 84 11.26 9.98 13.41
C ARG B 84 11.82 8.71 14.06
N GLN B 85 11.30 7.55 13.64
CA GLN B 85 11.57 6.31 14.31
C GLN B 85 11.58 5.22 13.27
N LEU B 86 12.53 4.28 13.38
CA LEU B 86 12.66 3.23 12.37
C LEU B 86 12.99 1.89 13.00
N ALA B 87 12.34 0.83 12.52
CA ALA B 87 12.67 -0.53 12.94
C ALA B 87 12.89 -1.33 11.67
N ALA B 88 13.86 -2.24 11.70
CA ALA B 88 14.07 -3.10 10.54
C ALA B 88 14.46 -4.49 10.99
N MSE B 89 14.09 -5.49 10.19
CA MSE B 89 14.35 -6.87 10.54
C MSE B 89 14.82 -7.59 9.29
O MSE B 89 14.23 -7.43 8.22
CB MSE B 89 13.07 -7.52 11.07
CG MSE B 89 13.24 -8.98 11.53
SE MSE B 89 11.57 -9.94 11.66
CE MSE B 89 11.25 -10.19 9.74
N ASP B 90 15.88 -8.41 9.41
CA ASP B 90 16.35 -9.17 8.25
C ASP B 90 15.56 -10.47 8.09
N LEU B 91 15.93 -11.29 7.10
CA LEU B 91 15.16 -12.49 6.80
C LEU B 91 15.33 -13.62 7.84
N LEU B 92 16.23 -13.39 8.79
CA LEU B 92 16.57 -14.37 9.83
C LEU B 92 15.94 -13.99 11.17
N GLY B 93 15.31 -12.81 11.22
CA GLY B 93 14.63 -12.40 12.43
C GLY B 93 15.47 -11.50 13.31
N ASN B 94 16.71 -11.21 12.91
CA ASN B 94 17.51 -10.18 13.60
C ASN B 94 16.91 -8.81 13.36
N ALA B 95 17.02 -7.93 14.34
CA ALA B 95 16.29 -6.66 14.29
C ALA B 95 16.98 -5.54 15.03
N ALA B 96 16.69 -4.30 14.61
CA ALA B 96 17.21 -3.11 15.26
C ALA B 96 16.22 -1.98 15.08
N ALA B 97 16.33 -0.97 15.96
CA ALA B 97 15.46 0.20 15.89
C ALA B 97 16.24 1.45 16.23
N PHE B 98 15.76 2.57 15.71
CA PHE B 98 16.21 3.90 16.11
C PHE B 98 14.98 4.69 16.53
N THR B 99 15.08 5.38 17.67
CA THR B 99 13.97 6.23 18.12
C THR B 99 14.47 7.65 18.39
N GLY B 100 14.02 8.59 17.56
CA GLY B 100 14.48 9.98 17.64
C GLY B 100 13.98 10.64 18.91
N SER B 101 14.75 11.61 19.40
CA SER B 101 14.48 12.22 20.70
C SER B 101 13.30 13.17 20.69
N GLU B 102 12.87 13.60 19.49
CA GLU B 102 11.75 14.55 19.38
C GLU B 102 10.38 13.91 19.11
N ASN B 103 10.34 12.57 19.02
CA ASN B 103 9.05 11.87 19.05
C ASN B 103 8.41 12.05 20.43
N GLN B 104 7.08 11.93 20.47
CA GLN B 104 6.37 12.11 21.73
CA GLN B 104 6.27 12.06 21.69
C GLN B 104 6.51 10.88 22.64
N ASP B 105 6.65 11.15 23.94
CA ASP B 105 6.71 10.06 24.93
C ASP B 105 5.32 9.45 25.06
N ILE B 106 5.23 8.19 25.50
CA ILE B 106 6.37 7.29 25.74
C ILE B 106 6.77 6.64 24.41
N LYS B 107 8.06 6.39 24.24
CA LYS B 107 8.67 5.80 23.01
C LYS B 107 9.76 4.83 23.55
N GLY B 108 10.13 3.69 22.96
CA GLY B 108 10.72 3.50 21.69
C GLY B 108 10.61 2.03 21.29
N SER B 109 11.45 1.09 21.78
CA SER B 109 11.44 -0.29 21.21
C SER B 109 11.79 -1.49 22.13
N VAL B 110 11.29 -2.68 21.75
CA VAL B 110 11.59 -3.92 22.46
C VAL B 110 11.82 -5.04 21.43
N THR B 111 12.96 -5.71 21.52
CA THR B 111 13.23 -6.84 20.61
C THR B 111 12.92 -8.14 21.31
N PHE B 112 12.53 -9.14 20.53
CA PHE B 112 12.33 -10.50 21.04
C PHE B 112 12.95 -11.45 20.01
N ALA B 113 12.90 -12.76 20.28
CA ALA B 113 13.73 -13.69 19.48
C ALA B 113 13.39 -13.78 18.00
N SER B 114 12.19 -13.36 17.61
CA SER B 114 11.82 -13.40 16.21
C SER B 114 11.37 -12.05 15.64
N GLY B 115 11.74 -10.94 16.27
CA GLY B 115 11.29 -9.64 15.74
C GLY B 115 11.51 -8.46 16.66
N ILE B 116 10.77 -7.40 16.40
CA ILE B 116 10.95 -6.18 17.17
C ILE B 116 9.65 -5.38 17.18
N ALA B 117 9.35 -4.77 18.33
CA ALA B 117 8.20 -3.87 18.49
C ALA B 117 8.71 -2.47 18.72
N SER B 118 8.00 -1.47 18.18
CA SER B 118 8.41 -0.10 18.44
C SER B 118 7.19 0.79 18.42
N GLY B 119 7.30 1.94 19.08
CA GLY B 119 6.17 2.81 19.19
C GLY B 119 6.52 4.16 19.76
N ASN B 120 5.56 5.07 19.68
CA ASN B 120 5.74 6.42 20.22
C ASN B 120 4.37 6.98 20.61
N MSE B 121 4.38 8.05 21.40
CA MSE B 121 3.15 8.60 21.97
CA MSE B 121 3.15 8.60 21.96
C MSE B 121 2.37 7.51 22.70
O MSE B 121 1.13 7.48 22.69
CB MSE B 121 2.31 9.31 20.91
CB MSE B 121 2.32 9.29 20.86
CG MSE B 121 1.00 9.90 21.43
CG MSE B 121 1.54 10.52 21.31
SE MSE B 121 1.26 11.27 22.80
SE MSE B 121 1.44 11.93 19.95
CE MSE B 121 1.06 10.24 24.45
CE MSE B 121 3.35 12.35 19.78
N LEU B 122 3.09 6.59 23.33
CA LEU B 122 2.49 5.49 24.07
C LEU B 122 2.04 5.94 25.47
N GLY B 123 0.96 5.32 25.95
CA GLY B 123 0.37 5.67 27.23
C GLY B 123 1.10 5.11 28.45
N ASP B 124 1.89 4.06 28.23
CA ASP B 124 2.55 3.36 29.35
C ASP B 124 3.83 2.69 28.87
N ASN B 125 4.72 2.42 29.83
CA ASN B 125 5.93 1.68 29.54
C ASN B 125 5.66 0.19 29.35
N SER B 126 4.41 -0.21 29.54
CA SER B 126 4.03 -1.62 29.43
C SER B 126 3.52 -2.02 28.05
N VAL B 127 3.20 -1.03 27.21
CA VAL B 127 2.56 -1.32 25.91
C VAL B 127 3.41 -2.24 25.02
N LEU B 128 4.66 -1.87 24.83
CA LEU B 128 5.53 -2.63 23.91
C LEU B 128 5.80 -4.02 24.45
N GLY B 129 6.05 -4.11 25.75
CA GLY B 129 6.19 -5.40 26.43
C GLY B 129 4.96 -6.29 26.32
N ALA B 130 3.77 -5.70 26.49
CA ALA B 130 2.51 -6.45 26.32
C ALA B 130 2.40 -6.97 24.89
N MSE B 131 2.80 -6.12 23.94
CA MSE B 131 2.75 -6.46 22.54
C MSE B 131 3.61 -7.68 22.21
O MSE B 131 3.15 -8.64 21.61
CB MSE B 131 3.22 -5.25 21.73
CG MSE B 131 2.98 -5.38 20.29
SE MSE B 131 3.49 -3.71 19.45
CE MSE B 131 2.21 -3.88 17.99
N THR B 132 4.87 -7.63 22.65
CA THR B 132 5.81 -8.71 22.33
C THR B 132 5.48 -9.96 23.10
N GLU B 133 5.07 -9.81 24.37
CA GLU B 133 4.64 -10.95 25.19
C GLU B 133 3.46 -11.67 24.56
N ALA B 134 2.49 -10.92 24.06
CA ALA B 134 1.32 -11.52 23.44
C ALA B 134 1.74 -12.31 22.21
N PHE B 135 2.69 -11.78 21.43
CA PHE B 135 3.17 -12.51 20.26
C PHE B 135 3.87 -13.79 20.71
N VAL B 136 4.77 -13.65 21.67
CA VAL B 136 5.61 -14.77 22.13
C VAL B 136 4.75 -15.88 22.74
N ALA B 137 3.78 -15.50 23.56
CA ALA B 137 2.95 -16.46 24.31
C ALA B 137 1.78 -17.08 23.54
N SER B 138 1.42 -16.48 22.41
CA SER B 138 0.22 -16.89 21.65
C SER B 138 0.29 -18.30 21.10
N ASP B 139 -0.84 -18.99 21.15
CA ASP B 139 -0.99 -20.35 20.60
C ASP B 139 -1.54 -20.36 19.17
N LEU B 140 -1.50 -19.21 18.49
CA LEU B 140 -2.15 -19.07 17.18
C LEU B 140 -1.19 -19.15 15.98
N THR B 141 -1.75 -19.11 14.76
CA THR B 141 -0.96 -19.01 13.53
C THR B 141 -0.19 -17.68 13.48
N PHE B 142 0.86 -17.62 12.67
CA PHE B 142 1.75 -16.46 12.58
C PHE B 142 0.97 -15.15 12.43
N GLU B 143 0.06 -15.12 11.47
CA GLU B 143 -0.75 -13.93 11.19
C GLU B 143 -1.62 -13.54 12.38
N ARG B 144 -2.20 -14.54 13.05
CA ARG B 144 -3.08 -14.27 14.18
C ARG B 144 -2.28 -13.82 15.40
N ARG B 145 -1.00 -14.21 15.45
CA ARG B 145 -0.13 -13.72 16.51
C ARG B 145 0.19 -12.25 16.31
N LEU B 146 0.37 -11.84 15.06
CA LEU B 146 0.55 -10.41 14.74
C LEU B 146 -0.70 -9.63 15.20
N LEU B 147 -1.86 -10.18 14.92
CA LEU B 147 -3.12 -9.57 15.37
C LEU B 147 -3.23 -9.52 16.90
N ALA B 148 -2.88 -10.65 17.55
CA ALA B 148 -2.84 -10.71 19.01
C ALA B 148 -1.92 -9.64 19.61
N ALA B 149 -0.81 -9.36 18.93
CA ALA B 149 0.13 -8.33 19.40
C ALA B 149 -0.53 -6.95 19.37
N LEU B 150 -1.23 -6.65 18.29
CA LEU B 150 -1.90 -5.34 18.19
C LEU B 150 -2.96 -5.19 19.30
N ILE B 151 -3.74 -6.25 19.49
CA ILE B 151 -4.81 -6.27 20.49
C ILE B 151 -4.24 -6.02 21.90
N ALA B 152 -3.13 -6.69 22.21
CA ALA B 152 -2.49 -6.54 23.51
C ALA B 152 -1.92 -5.14 23.70
N ALA B 153 -1.36 -4.55 22.64
CA ALA B 153 -0.87 -3.18 22.73
C ALA B 153 -2.01 -2.20 23.01
N GLU B 154 -3.13 -2.36 22.29
CA GLU B 154 -4.29 -1.50 22.46
C GLU B 154 -4.82 -1.57 23.90
N GLY B 155 -4.87 -2.80 24.42
CA GLY B 155 -5.41 -3.06 25.75
C GLY B 155 -4.53 -2.60 26.89
N ALA B 156 -3.24 -2.37 26.60
CA ALA B 156 -2.23 -2.10 27.64
C ALA B 156 -2.39 -0.75 28.36
N GLY B 162 -7.39 6.48 21.65
CA GLY B 162 -7.95 5.61 20.61
C GLY B 162 -7.09 5.44 19.36
N LEU B 163 -7.45 4.42 18.56
CA LEU B 163 -6.77 4.13 17.31
C LEU B 163 -7.74 4.39 16.17
N LEU B 164 -7.21 4.82 15.03
CA LEU B 164 -8.06 5.07 13.85
C LEU B 164 -7.67 4.23 12.63
N SER B 165 -6.46 3.68 12.62
CA SER B 165 -6.10 2.80 11.50
C SER B 165 -5.26 1.61 11.95
N ALA B 166 -5.29 0.54 11.16
CA ALA B 166 -4.47 -0.64 11.46
C ALA B 166 -4.14 -1.34 10.15
N ALA B 167 -3.07 -2.12 10.15
CA ALA B 167 -2.63 -2.80 8.94
C ALA B 167 -1.75 -3.98 9.27
N MSE B 168 -1.67 -4.89 8.31
CA MSE B 168 -0.70 -5.96 8.38
CA MSE B 168 -0.76 -6.03 8.38
C MSE B 168 -0.14 -6.23 7.00
O MSE B 168 -0.76 -5.92 5.98
CB MSE B 168 -1.29 -7.23 8.99
CB MSE B 168 -1.51 -7.30 8.79
CG MSE B 168 -2.65 -7.61 8.48
CG MSE B 168 -0.60 -8.43 9.28
SE MSE B 168 -3.27 -9.14 9.49
SE MSE B 168 -1.56 -10.02 9.96
CE MSE B 168 -2.04 -10.40 8.68
CE MSE B 168 -2.39 -10.49 8.29
N LEU B 169 1.07 -6.79 6.99
CA LEU B 169 1.75 -7.12 5.75
C LEU B 169 2.51 -8.43 5.99
N VAL B 170 2.22 -9.45 5.20
CA VAL B 170 2.92 -10.72 5.35
C VAL B 170 3.34 -11.24 3.99
N LEU B 171 4.61 -11.66 3.92
CA LEU B 171 5.23 -12.12 2.67
C LEU B 171 5.80 -13.51 2.86
N HIS B 172 5.70 -14.30 1.79
CA HIS B 172 6.29 -15.65 1.75
C HIS B 172 6.45 -16.03 0.27
N PRO B 173 7.55 -16.73 -0.09
CA PRO B 173 7.79 -17.03 -1.52
C PRO B 173 6.72 -17.86 -2.23
N ASP B 174 5.94 -18.63 -1.48
CA ASP B 174 4.93 -19.49 -2.11
C ASP B 174 3.53 -18.89 -2.06
N ARG B 175 3.43 -17.63 -1.62
CA ARG B 175 2.15 -16.98 -1.40
C ARG B 175 2.21 -15.60 -2.03
N PRO B 176 1.07 -15.09 -2.49
CA PRO B 176 1.11 -13.67 -2.89
C PRO B 176 1.13 -12.80 -1.64
N PRO B 177 1.55 -11.52 -1.76
CA PRO B 177 1.61 -10.71 -0.55
C PRO B 177 0.25 -10.61 0.08
N VAL B 178 0.23 -10.63 1.41
CA VAL B 178 -0.99 -10.39 2.16
C VAL B 178 -0.81 -8.99 2.72
N THR B 179 -1.54 -8.06 2.11
CA THR B 179 -1.49 -6.65 2.51
C THR B 179 -2.91 -6.27 2.85
N LEU B 180 -3.15 -6.02 4.13
CA LEU B 180 -4.49 -5.77 4.62
C LEU B 180 -4.48 -4.44 5.35
N ARG B 181 -5.32 -3.52 4.91
CA ARG B 181 -5.32 -2.17 5.48
C ARG B 181 -6.70 -1.69 5.88
N ILE B 182 -6.80 -1.19 7.11
CA ILE B 182 -7.93 -0.40 7.55
C ILE B 182 -7.38 1.01 7.69
N ASP B 183 -7.63 1.87 6.69
CA ASP B 183 -7.01 3.18 6.65
C ASP B 183 -7.73 4.19 7.54
N TYR B 184 -8.98 3.85 7.86
CA TYR B 184 -9.78 4.60 8.84
C TYR B 184 -10.91 3.75 9.36
N HIS B 185 -10.99 3.68 10.69
CA HIS B 185 -12.19 3.22 11.39
C HIS B 185 -12.31 4.08 12.66
N PRO B 186 -13.54 4.57 12.98
CA PRO B 186 -13.66 5.54 14.06
C PRO B 186 -13.32 5.06 15.46
N ASP B 187 -13.48 3.76 15.72
CA ASP B 187 -13.36 3.28 17.10
C ASP B 187 -12.69 1.92 17.30
N ASN B 188 -12.58 1.15 16.22
CA ASN B 188 -12.04 -0.20 16.35
C ASN B 188 -11.39 -0.71 15.08
N PRO B 189 -10.31 -0.04 14.62
CA PRO B 189 -9.61 -0.47 13.41
C PRO B 189 -8.99 -1.86 13.54
N ILE B 190 -8.54 -2.26 14.73
CA ILE B 190 -7.97 -3.62 14.88
C ILE B 190 -9.05 -4.67 14.67
N GLY B 191 -10.23 -4.42 15.26
CA GLY B 191 -11.40 -5.27 15.06
C GLY B 191 -11.75 -5.40 13.59
N ALA B 192 -11.80 -4.27 12.87
CA ALA B 192 -12.06 -4.29 11.42
C ALA B 192 -10.97 -5.08 10.65
N LEU B 193 -9.72 -4.98 11.12
CA LEU B 193 -8.59 -5.68 10.49
C LEU B 193 -8.77 -7.19 10.66
N GLU B 194 -9.17 -7.60 11.87
CA GLU B 194 -9.44 -9.03 12.11
C GLU B 194 -10.53 -9.52 11.16
N GLN B 195 -11.58 -8.71 10.99
CA GLN B 195 -12.66 -9.05 10.09
CA GLN B 195 -12.68 -9.03 10.06
C GLN B 195 -12.15 -9.22 8.64
N LEU B 196 -11.30 -8.29 8.21
CA LEU B 196 -10.71 -8.33 6.87
C LEU B 196 -9.82 -9.55 6.69
N TYR B 197 -8.98 -9.83 7.69
CA TYR B 197 -8.13 -11.02 7.66
C TYR B 197 -8.99 -12.28 7.50
N GLN B 198 -10.10 -12.36 8.25
CA GLN B 198 -10.99 -13.54 8.11
C GLN B 198 -11.51 -13.65 6.68
N LYS B 199 -11.98 -12.53 6.13
CA LYS B 199 -12.46 -12.55 4.74
C LYS B 199 -11.36 -12.94 3.77
N ALA B 200 -10.13 -12.51 4.03
CA ALA B 200 -9.05 -12.70 3.06
C ALA B 200 -8.50 -14.14 3.11
N THR B 201 -8.94 -14.91 4.11
CA THR B 201 -8.40 -16.26 4.33
C THR B 201 -9.50 -17.32 4.30
N THR B 202 -10.70 -16.91 3.91
CA THR B 202 -11.83 -17.83 3.79
C THR B 202 -12.55 -17.74 2.43
N GLY B 203 -13.35 -18.76 2.12
CA GLY B 203 -14.26 -18.73 0.98
C GLY B 203 -13.64 -18.70 -0.41
N ASP B 204 -14.39 -18.19 -1.37
CA ASP B 204 -13.95 -18.13 -2.76
C ASP B 204 -12.69 -17.27 -2.91
N TYR B 205 -12.56 -16.23 -2.10
CA TYR B 205 -11.35 -15.39 -2.17
C TYR B 205 -10.10 -16.17 -1.85
N ALA B 206 -10.09 -16.88 -0.72
CA ALA B 206 -8.93 -17.67 -0.33
C ALA B 206 -8.60 -18.72 -1.38
N ASP B 207 -9.65 -19.32 -1.93
CA ASP B 207 -9.51 -20.35 -2.96
C ASP B 207 -8.84 -19.76 -4.20
N TRP B 208 -9.25 -18.55 -4.57
CA TRP B 208 -8.73 -17.85 -5.73
C TRP B 208 -7.27 -17.40 -5.52
N ALA B 209 -6.97 -16.90 -4.33
CA ALA B 209 -5.63 -16.34 -4.05
C ALA B 209 -4.51 -17.36 -4.14
N ARG B 210 -4.84 -18.65 -4.02
CA ARG B 210 -3.83 -19.70 -4.18
C ARG B 210 -3.56 -20.06 -5.66
N GLN B 211 -4.26 -19.40 -6.58
CA GLN B 211 -4.18 -19.72 -8.02
C GLN B 211 -3.55 -18.58 -8.83
N VAL B 212 -2.82 -17.69 -8.16
CA VAL B 212 -2.19 -16.54 -8.82
C VAL B 212 -0.67 -16.62 -8.68
N PRO B 213 0.07 -15.98 -9.60
CA PRO B 213 1.54 -16.00 -9.55
C PRO B 213 2.14 -15.69 -8.18
N VAL B 214 3.16 -16.46 -7.83
CA VAL B 214 3.93 -16.28 -6.61
C VAL B 214 5.41 -16.41 -6.97
N LEU B 215 6.30 -16.03 -6.05
CA LEU B 215 7.73 -15.98 -6.36
C LEU B 215 8.28 -17.33 -6.85
N SER B 216 7.79 -18.41 -6.25
CA SER B 216 8.24 -19.73 -6.64
C SER B 216 7.45 -20.31 -7.84
N ASP B 217 6.46 -19.57 -8.34
CA ASP B 217 5.63 -20.03 -9.49
C ASP B 217 5.05 -18.78 -10.17
N LYS B 218 5.92 -18.05 -10.85
CA LYS B 218 5.58 -16.72 -11.38
C LYS B 218 4.57 -16.76 -12.52
N GLU B 219 4.42 -17.92 -13.17
CA GLU B 219 3.53 -18.02 -14.33
C GLU B 219 2.20 -18.72 -14.02
N ARG B 220 1.95 -18.95 -12.73
CA ARG B 220 0.73 -19.62 -12.28
C ARG B 220 -0.53 -19.02 -12.91
N ILE B 221 -1.46 -19.91 -13.29
CA ILE B 221 -2.78 -19.54 -13.76
C ILE B 221 -3.85 -20.30 -12.97
N LEU B 222 -5.12 -19.99 -13.24
CA LEU B 222 -6.23 -20.64 -12.55
C LEU B 222 -6.24 -22.13 -12.79
N ASP B 223 -6.71 -22.87 -11.80
CA ASP B 223 -6.94 -24.32 -11.93
C ASP B 223 -7.77 -24.58 -13.18
#